data_7M2I
#
_entry.id   7M2I
#
_cell.length_a   155.250
_cell.length_b   155.250
_cell.length_c   74.415
_cell.angle_alpha   90.000
_cell.angle_beta   90.000
_cell.angle_gamma   90.000
#
_symmetry.space_group_name_H-M   'I 4'
#
loop_
_entity.id
_entity.type
_entity.pdbx_description
1 polymer 'Monoclonal antibody (IgG) against KcsA, Fab heavy chain'
2 polymer 'Monoclonal antibody (IgG) against KcsA, Fab light chain'
3 polymer 'pH-gated potassium channel KcsA'
4 non-polymer NONAN-1-OL
5 non-polymer '(1S)-2-HYDROXY-1-[(NONANOYLOXY)METHYL]ETHYL MYRISTATE'
6 non-polymer 'POTASSIUM ION'
7 water water
#
loop_
_entity_poly.entity_id
_entity_poly.type
_entity_poly.pdbx_seq_one_letter_code
_entity_poly.pdbx_strand_id
1 'polypeptide(L)'
;QVQLQQPGAELVKPGASVKLSCKASGYTFTSDWIHWVKQRPGHGLEWIGEIIPSYGRANYNEKIQKKATLTADKSSSTAF
MQLSSLTSEDSAVYYCARERGDGYFAVWGAGTTVTVSSAKTTPPSVYPLAPGSAAQTNSMVTLGCLVKGYFPEPVTVTWN
SGSLSSGVHTFPAVLQSDLYTLSSSVTVPSSSWPSETVTCNVAHPASSTKVDKKIVPRD
;
A
2 'polypeptide(L)'
;DILLTQSPAILSVSPGERVSFSCRASQSIGTDIHWYQQRTNGSPRLLIKYASESISGIPSRFSGSGSGTDFTLSINSVES
EDIANYYCQQSNRWPFTFGSGTKLEIKRADAAPTVSIFPPSSEQLTSGGASVVCFLNNFYPKDINVKWKIDGSERQNGVL
NSWTDQDSKDSTYSMSSTLTLTKDEYERHNSYTCEATHKTSTSPIVKSFNRN
;
B
3 'polypeptide(L)'
;WRCAGAATVLLVIVLLAGSYLAVLAERGAPGAQLITYPRALFWSVETATTVGYGDLYPVTLWGRLVAVVVMVAGITSFGL
VTAALATWFVGQCQQQ
;
C
#
loop_
_chem_comp.id
_chem_comp.type
_chem_comp.name
_chem_comp.formula
1EM non-polymer '(1S)-2-HYDROXY-1-[(NONANOYLOXY)METHYL]ETHYL MYRISTATE' 'C26 H50 O5'
F09 non-polymer NONAN-1-OL 'C9 H20 O'
K non-polymer 'POTASSIUM ION' 'K 1'
#
# COMPACT_ATOMS: atom_id res chain seq x y z
N GLN A 1 -15.73 5.58 -2.64
CA GLN A 1 -15.91 4.79 -1.43
C GLN A 1 -14.95 3.62 -1.43
N VAL A 2 -14.67 3.08 -0.24
CA VAL A 2 -13.79 1.93 -0.10
C VAL A 2 -14.31 0.80 -0.96
N GLN A 3 -13.68 0.59 -2.12
CA GLN A 3 -14.18 -0.38 -3.08
C GLN A 3 -13.83 -1.81 -2.70
N LEU A 4 -12.76 -2.01 -1.94
CA LEU A 4 -12.31 -3.33 -1.53
C LEU A 4 -12.06 -3.31 -0.03
N GLN A 5 -12.76 -4.18 0.69
CA GLN A 5 -12.71 -4.23 2.16
C GLN A 5 -12.06 -5.52 2.61
N GLN A 6 -11.02 -5.39 3.44
CA GLN A 6 -10.28 -6.52 3.97
C GLN A 6 -10.27 -6.46 5.49
N PRO A 7 -10.23 -7.62 6.15
CA PRO A 7 -10.11 -7.63 7.61
C PRO A 7 -8.83 -6.95 8.06
N GLY A 8 -8.86 -6.43 9.29
CA GLY A 8 -7.73 -5.70 9.82
C GLY A 8 -6.47 -6.53 9.98
N ALA A 9 -6.56 -7.62 10.73
CA ALA A 9 -5.40 -8.48 10.98
C ALA A 9 -5.89 -9.88 11.31
N GLU A 10 -5.00 -10.85 11.08
CA GLU A 10 -5.28 -12.25 11.37
C GLU A 10 -4.06 -12.86 12.05
N LEU A 11 -4.28 -13.46 13.22
CA LEU A 11 -3.22 -14.15 13.95
C LEU A 11 -3.33 -15.64 13.66
N VAL A 12 -2.24 -16.23 13.17
CA VAL A 12 -2.22 -17.63 12.74
C VAL A 12 -1.17 -18.36 13.56
N LYS A 13 -1.54 -19.53 14.06
CA LYS A 13 -0.56 -20.38 14.74
C LYS A 13 0.37 -21.01 13.71
N PRO A 14 1.63 -21.27 14.10
CA PRO A 14 2.55 -21.95 13.18
C PRO A 14 2.03 -23.32 12.79
N GLY A 15 1.80 -23.50 11.49
CA GLY A 15 1.25 -24.73 10.96
C GLY A 15 -0.24 -24.71 10.73
N ALA A 16 -0.92 -23.63 11.10
CA ALA A 16 -2.36 -23.52 10.91
C ALA A 16 -2.64 -23.00 9.50
N SER A 17 -3.85 -22.50 9.26
CA SER A 17 -4.24 -21.98 7.95
C SER A 17 -5.31 -20.93 8.13
N VAL A 18 -5.09 -19.75 7.54
CA VAL A 18 -6.02 -18.65 7.63
C VAL A 18 -6.75 -18.50 6.30
N LYS A 19 -7.88 -17.81 6.34
CA LYS A 19 -8.70 -17.53 5.16
C LYS A 19 -9.03 -16.04 5.16
N LEU A 20 -8.48 -15.32 4.20
CA LEU A 20 -8.68 -13.87 4.08
C LEU A 20 -9.81 -13.57 3.12
N SER A 21 -10.43 -12.41 3.30
CA SER A 21 -11.58 -11.99 2.52
C SER A 21 -11.31 -10.64 1.89
N CYS A 22 -12.07 -10.36 0.81
CA CYS A 22 -11.95 -9.11 0.07
C CYS A 22 -13.31 -8.84 -0.57
N LYS A 23 -14.13 -8.06 0.13
CA LYS A 23 -15.48 -7.76 -0.34
C LYS A 23 -15.44 -6.52 -1.23
N ALA A 24 -16.00 -6.64 -2.43
CA ALA A 24 -15.93 -5.60 -3.44
C ALA A 24 -17.25 -4.84 -3.52
N SER A 25 -17.13 -3.51 -3.58
CA SER A 25 -18.25 -2.62 -3.89
C SER A 25 -17.90 -1.82 -5.13
N GLY A 26 -18.88 -1.06 -5.62
CA GLY A 26 -18.70 -0.34 -6.85
C GLY A 26 -19.22 -1.12 -8.05
N TYR A 27 -18.76 -0.72 -9.23
CA TYR A 27 -19.14 -1.42 -10.45
C TYR A 27 -18.54 -2.82 -10.46
N THR A 28 -19.38 -3.82 -10.72
CA THR A 28 -18.95 -5.20 -10.89
C THR A 28 -19.18 -5.59 -12.35
N PHE A 29 -18.10 -5.94 -13.04
CA PHE A 29 -18.16 -6.35 -14.43
C PHE A 29 -17.80 -7.83 -14.55
N THR A 30 -18.26 -8.43 -15.65
CA THR A 30 -17.92 -9.82 -15.92
C THR A 30 -16.46 -10.00 -16.31
N SER A 31 -15.77 -8.92 -16.65
CA SER A 31 -14.36 -8.97 -17.04
C SER A 31 -13.44 -8.56 -15.90
N ASP A 32 -13.93 -8.50 -14.67
CA ASP A 32 -13.12 -8.07 -13.54
C ASP A 32 -12.25 -9.22 -13.03
N TRP A 33 -11.01 -8.90 -12.69
CA TRP A 33 -10.08 -9.84 -12.08
C TRP A 33 -9.68 -9.31 -10.71
N ILE A 34 -9.62 -10.21 -9.73
CA ILE A 34 -9.19 -9.87 -8.38
C ILE A 34 -7.80 -10.45 -8.16
N HIS A 35 -6.86 -9.60 -7.74
CA HIS A 35 -5.48 -9.98 -7.53
C HIS A 35 -5.13 -9.92 -6.06
N TRP A 36 -4.05 -10.60 -5.69
CA TRP A 36 -3.55 -10.64 -4.33
C TRP A 36 -2.06 -10.35 -4.33
N VAL A 37 -1.63 -9.39 -3.51
CA VAL A 37 -0.24 -8.95 -3.46
C VAL A 37 0.26 -9.06 -2.03
N LYS A 38 1.38 -9.77 -1.85
CA LYS A 38 2.01 -9.95 -0.55
C LYS A 38 3.18 -8.99 -0.41
N GLN A 39 3.26 -8.32 0.75
CA GLN A 39 4.35 -7.39 1.02
C GLN A 39 4.94 -7.73 2.39
N ARG A 40 6.05 -8.46 2.38
CA ARG A 40 6.77 -8.73 3.61
C ARG A 40 7.34 -7.43 4.17
N PRO A 41 7.44 -7.32 5.51
CA PRO A 41 7.89 -6.06 6.10
C PRO A 41 9.31 -5.70 5.66
N GLY A 42 9.48 -4.46 5.21
CA GLY A 42 10.75 -4.00 4.70
C GLY A 42 11.03 -4.35 3.27
N HIS A 43 10.21 -5.19 2.64
CA HIS A 43 10.39 -5.59 1.25
C HIS A 43 9.43 -4.82 0.36
N GLY A 44 9.28 -5.29 -0.88
CA GLY A 44 8.42 -4.66 -1.84
C GLY A 44 7.17 -5.47 -2.13
N LEU A 45 6.55 -5.17 -3.27
CA LEU A 45 5.31 -5.85 -3.67
C LEU A 45 5.62 -7.15 -4.37
N GLU A 46 4.85 -8.19 -4.03
CA GLU A 46 5.05 -9.54 -4.54
C GLU A 46 3.71 -10.10 -4.97
N TRP A 47 3.59 -10.42 -6.27
CA TRP A 47 2.34 -10.90 -6.83
C TRP A 47 2.11 -12.36 -6.44
N ILE A 48 0.92 -12.66 -5.90
CA ILE A 48 0.57 -14.00 -5.46
C ILE A 48 -0.20 -14.72 -6.56
N GLY A 49 -1.35 -14.17 -6.93
CA GLY A 49 -2.19 -14.82 -7.92
C GLY A 49 -3.38 -13.95 -8.25
N GLU A 50 -4.22 -14.47 -9.14
CA GLU A 50 -5.37 -13.75 -9.65
C GLU A 50 -6.55 -14.71 -9.77
N ILE A 51 -7.75 -14.14 -9.81
CA ILE A 51 -8.96 -14.93 -9.98
C ILE A 51 -10.03 -14.03 -10.59
N ILE A 52 -10.76 -14.58 -11.57
CA ILE A 52 -11.88 -13.90 -12.19
C ILE A 52 -13.17 -14.45 -11.59
N PRO A 53 -13.95 -13.65 -10.87
CA PRO A 53 -15.16 -14.18 -10.22
C PRO A 53 -16.23 -14.63 -11.19
N SER A 54 -16.17 -14.19 -12.46
CA SER A 54 -17.20 -14.56 -13.42
C SER A 54 -17.15 -16.05 -13.73
N TYR A 55 -15.98 -16.57 -14.04
CA TYR A 55 -15.82 -17.96 -14.46
C TYR A 55 -15.32 -18.88 -13.36
N GLY A 56 -14.78 -18.35 -12.26
CA GLY A 56 -14.15 -19.14 -11.24
C GLY A 56 -12.72 -19.51 -11.52
N ARG A 57 -12.13 -18.97 -12.60
CA ARG A 57 -10.77 -19.27 -13.05
C ARG A 57 -9.74 -18.55 -12.17
N ALA A 58 -8.66 -19.26 -11.84
CA ALA A 58 -7.66 -18.73 -10.92
C ALA A 58 -6.24 -19.13 -11.37
N ASN A 59 -5.30 -18.22 -11.11
CA ASN A 59 -3.89 -18.43 -11.45
C ASN A 59 -3.02 -18.07 -10.26
N TYR A 60 -1.77 -18.56 -10.28
CA TYR A 60 -0.85 -18.38 -9.15
C TYR A 60 0.55 -18.11 -9.66
N ASN A 61 1.37 -17.50 -8.79
CA ASN A 61 2.75 -17.18 -9.11
C ASN A 61 3.58 -18.45 -9.00
N GLU A 62 4.05 -18.95 -10.14
CA GLU A 62 4.93 -20.12 -10.17
C GLU A 62 6.32 -19.82 -9.65
N LYS A 63 6.68 -18.53 -9.54
CA LYS A 63 8.04 -18.15 -9.15
C LYS A 63 8.32 -18.46 -7.69
N ILE A 64 7.28 -18.47 -6.85
CA ILE A 64 7.44 -18.74 -5.43
C ILE A 64 6.59 -19.97 -5.07
N GLN A 65 6.58 -20.33 -3.79
CA GLN A 65 5.79 -21.46 -3.35
C GLN A 65 4.31 -21.13 -3.40
N LYS A 66 3.50 -22.09 -3.84
CA LYS A 66 2.06 -21.92 -3.98
C LYS A 66 1.40 -22.45 -2.71
N LYS A 67 1.27 -21.58 -1.72
CA LYS A 67 0.61 -21.92 -0.47
C LYS A 67 -0.83 -21.42 -0.42
N ALA A 68 -1.36 -20.93 -1.55
CA ALA A 68 -2.64 -20.24 -1.57
C ALA A 68 -3.62 -20.95 -2.49
N THR A 69 -4.91 -20.75 -2.21
CA THR A 69 -6.00 -21.24 -3.02
C THR A 69 -7.03 -20.14 -3.14
N LEU A 70 -7.25 -19.64 -4.35
CA LEU A 70 -8.14 -18.52 -4.57
C LEU A 70 -9.56 -19.01 -4.87
N THR A 71 -10.53 -18.41 -4.19
CA THR A 71 -11.93 -18.73 -4.39
C THR A 71 -12.74 -17.44 -4.35
N ALA A 72 -13.99 -17.52 -4.83
CA ALA A 72 -14.85 -16.36 -4.87
C ALA A 72 -16.30 -16.80 -4.64
N ASP A 73 -17.11 -15.85 -4.20
CA ASP A 73 -18.54 -16.05 -3.98
C ASP A 73 -19.26 -14.95 -4.74
N LYS A 74 -19.77 -15.29 -5.93
CA LYS A 74 -20.38 -14.27 -6.79
C LYS A 74 -21.63 -13.67 -6.17
N SER A 75 -22.30 -14.39 -5.28
CA SER A 75 -23.51 -13.86 -4.65
C SER A 75 -23.19 -12.69 -3.73
N SER A 76 -22.15 -12.81 -2.92
CA SER A 76 -21.78 -11.79 -1.95
C SER A 76 -20.68 -10.86 -2.44
N SER A 77 -20.09 -11.15 -3.60
CA SER A 77 -19.01 -10.34 -4.18
C SER A 77 -17.82 -10.24 -3.21
N THR A 78 -17.32 -11.41 -2.80
CA THR A 78 -16.20 -11.51 -1.88
C THR A 78 -15.23 -12.56 -2.37
N ALA A 79 -13.97 -12.18 -2.53
CA ALA A 79 -12.91 -13.10 -2.90
C ALA A 79 -12.23 -13.66 -1.66
N PHE A 80 -11.77 -14.90 -1.77
CA PHE A 80 -11.17 -15.60 -0.64
C PHE A 80 -9.83 -16.19 -1.04
N MET A 81 -8.80 -15.87 -0.27
CA MET A 81 -7.48 -16.48 -0.42
C MET A 81 -7.20 -17.31 0.82
N GLN A 82 -7.05 -18.62 0.64
CA GLN A 82 -6.81 -19.55 1.74
C GLN A 82 -5.34 -19.94 1.76
N LEU A 83 -4.61 -19.42 2.74
CA LEU A 83 -3.21 -19.75 2.94
C LEU A 83 -3.11 -20.91 3.92
N SER A 84 -2.40 -21.96 3.55
CA SER A 84 -2.29 -23.16 4.35
C SER A 84 -0.84 -23.43 4.75
N SER A 85 -0.66 -24.05 5.91
CA SER A 85 0.64 -24.46 6.42
C SER A 85 1.59 -23.27 6.50
N LEU A 86 1.19 -22.28 7.32
CA LEU A 86 1.92 -21.02 7.37
C LEU A 86 3.15 -21.14 8.26
N THR A 87 4.20 -20.42 7.86
CA THR A 87 5.46 -20.37 8.58
C THR A 87 5.74 -18.93 9.00
N SER A 88 6.93 -18.71 9.57
CA SER A 88 7.34 -17.37 9.94
C SER A 88 7.57 -16.50 8.70
N GLU A 89 7.92 -17.12 7.57
CA GLU A 89 8.18 -16.36 6.35
C GLU A 89 6.91 -15.79 5.73
N ASP A 90 5.74 -16.32 6.10
CA ASP A 90 4.48 -15.88 5.52
C ASP A 90 3.88 -14.67 6.20
N SER A 91 4.49 -14.19 7.29
CA SER A 91 3.99 -13.01 8.00
C SER A 91 4.22 -11.78 7.13
N ALA A 92 3.14 -11.21 6.60
CA ALA A 92 3.23 -10.07 5.70
C ALA A 92 1.88 -9.39 5.61
N VAL A 93 1.83 -8.29 4.89
CA VAL A 93 0.58 -7.60 4.57
C VAL A 93 0.09 -8.09 3.22
N TYR A 94 -1.17 -8.50 3.16
CA TYR A 94 -1.77 -9.07 1.95
C TYR A 94 -2.85 -8.13 1.44
N TYR A 95 -2.59 -7.49 0.30
CA TYR A 95 -3.55 -6.61 -0.35
C TYR A 95 -4.41 -7.39 -1.33
N CYS A 96 -5.53 -6.80 -1.71
CA CYS A 96 -6.31 -7.23 -2.85
C CYS A 96 -6.59 -6.03 -3.74
N ALA A 97 -6.43 -6.20 -5.04
CA ALA A 97 -6.65 -5.14 -6.01
C ALA A 97 -7.56 -5.63 -7.12
N ARG A 98 -8.33 -4.70 -7.69
CA ARG A 98 -9.24 -5.01 -8.77
C ARG A 98 -8.64 -4.54 -10.09
N GLU A 99 -8.65 -5.41 -11.09
CA GLU A 99 -8.17 -5.09 -12.42
C GLU A 99 -9.32 -5.30 -13.41
N ARG A 100 -9.54 -4.29 -14.26
CA ARG A 100 -10.59 -4.34 -15.27
C ARG A 100 -10.23 -5.20 -16.48
N GLY A 101 -9.27 -6.11 -16.34
CA GLY A 101 -8.80 -6.88 -17.47
C GLY A 101 -8.01 -6.09 -18.49
N ASP A 102 -7.45 -4.95 -18.08
CA ASP A 102 -6.71 -4.08 -19.00
C ASP A 102 -5.28 -3.82 -18.55
N GLY A 103 -4.80 -4.51 -17.51
CA GLY A 103 -3.38 -4.48 -17.20
C GLY A 103 -2.97 -3.91 -15.85
N TYR A 104 -3.62 -2.84 -15.42
CA TYR A 104 -3.24 -2.12 -14.21
C TYR A 104 -4.25 -2.36 -13.10
N PHE A 105 -3.85 -1.96 -11.88
CA PHE A 105 -4.70 -2.09 -10.71
C PHE A 105 -5.30 -0.72 -10.39
N ALA A 106 -6.58 -0.56 -10.68
CA ALA A 106 -7.24 0.73 -10.50
C ALA A 106 -7.39 1.07 -9.03
N VAL A 107 -7.88 0.13 -8.22
CA VAL A 107 -8.13 0.35 -6.80
C VAL A 107 -7.50 -0.80 -6.01
N TRP A 108 -6.96 -0.46 -4.84
CA TRP A 108 -6.35 -1.43 -3.94
C TRP A 108 -7.15 -1.52 -2.65
N GLY A 109 -6.91 -2.60 -1.92
CA GLY A 109 -7.44 -2.73 -0.58
C GLY A 109 -6.49 -2.16 0.46
N ALA A 110 -6.99 -2.07 1.69
CA ALA A 110 -6.17 -1.58 2.79
C ALA A 110 -5.12 -2.58 3.26
N GLY A 111 -5.31 -3.86 2.95
CA GLY A 111 -4.34 -4.87 3.34
C GLY A 111 -4.70 -5.51 4.68
N THR A 112 -4.30 -6.77 4.82
CA THR A 112 -4.53 -7.53 6.04
C THR A 112 -3.19 -8.00 6.60
N THR A 113 -2.85 -7.53 7.80
CA THR A 113 -1.60 -7.87 8.44
C THR A 113 -1.72 -9.26 9.05
N VAL A 114 -1.13 -10.26 8.38
CA VAL A 114 -1.16 -11.64 8.86
C VAL A 114 0.10 -11.89 9.67
N THR A 115 -0.08 -12.30 10.93
CA THR A 115 1.02 -12.60 11.84
C THR A 115 0.99 -14.07 12.20
N VAL A 116 2.12 -14.74 12.03
CA VAL A 116 2.25 -16.16 12.34
C VAL A 116 3.10 -16.28 13.59
N SER A 117 2.47 -16.60 14.72
CA SER A 117 3.17 -16.75 15.98
C SER A 117 2.34 -17.61 16.92
N SER A 118 3.02 -18.28 17.85
CA SER A 118 2.35 -19.12 18.83
C SER A 118 1.83 -18.33 20.03
N ALA A 119 2.03 -17.02 20.06
CA ALA A 119 1.64 -16.19 21.19
C ALA A 119 0.12 -16.02 21.20
N LYS A 120 -0.38 -15.17 22.09
CA LYS A 120 -1.80 -14.95 22.26
C LYS A 120 -2.12 -13.48 22.07
N THR A 121 -3.40 -13.21 21.74
CA THR A 121 -3.84 -11.84 21.51
C THR A 121 -3.84 -11.05 22.82
N THR A 122 -3.49 -9.77 22.73
CA THR A 122 -3.46 -8.90 23.89
C THR A 122 -4.00 -7.52 23.52
N PRO A 123 -5.09 -7.06 24.15
CA PRO A 123 -5.59 -5.73 23.85
C PRO A 123 -4.62 -4.67 24.34
N PRO A 124 -4.60 -3.50 23.69
CA PRO A 124 -3.66 -2.44 24.10
C PRO A 124 -4.18 -1.65 25.29
N SER A 125 -3.24 -0.99 25.97
CA SER A 125 -3.55 -0.12 27.10
C SER A 125 -3.14 1.30 26.73
N VAL A 126 -4.13 2.19 26.66
CA VAL A 126 -3.92 3.58 26.24
C VAL A 126 -3.78 4.46 27.47
N TYR A 127 -2.73 5.28 27.48
CA TYR A 127 -2.44 6.17 28.60
C TYR A 127 -2.23 7.57 28.05
N PRO A 128 -2.89 8.59 28.62
CA PRO A 128 -2.68 9.97 28.15
C PRO A 128 -1.28 10.46 28.46
N LEU A 129 -0.82 11.40 27.62
CA LEU A 129 0.49 12.05 27.80
C LEU A 129 0.26 13.56 27.75
N ALA A 130 -0.03 14.15 28.92
CA ALA A 130 -0.23 15.59 29.07
C ALA A 130 1.02 16.23 29.66
N PRO A 131 1.30 17.48 29.29
CA PRO A 131 2.52 18.14 29.78
C PRO A 131 2.50 18.35 31.29
N GLY A 132 3.69 18.57 31.85
CA GLY A 132 3.83 18.76 33.28
C GLY A 132 3.53 20.19 33.72
N SER A 133 3.47 20.37 35.04
CA SER A 133 3.04 21.64 35.61
C SER A 133 4.00 22.79 35.30
N ALA A 134 5.24 22.51 34.91
CA ALA A 134 6.26 23.54 34.78
C ALA A 134 6.82 23.65 33.37
N ALA A 135 6.10 23.13 32.37
CA ALA A 135 6.54 23.20 30.98
C ALA A 135 6.12 24.54 30.38
N GLN A 136 7.12 25.33 29.96
CA GLN A 136 6.84 26.57 29.27
C GLN A 136 6.14 26.29 27.94
N THR A 137 5.00 26.92 27.72
CA THR A 137 4.25 26.69 26.50
C THR A 137 4.68 27.68 25.42
N ASN A 138 4.79 27.17 24.19
CA ASN A 138 5.09 27.99 23.03
C ASN A 138 3.76 28.44 22.42
N SER A 139 3.78 28.93 21.18
CA SER A 139 2.54 29.13 20.44
C SER A 139 1.84 27.82 20.13
N MET A 140 2.51 26.69 20.31
CA MET A 140 1.96 25.37 20.03
C MET A 140 2.20 24.46 21.23
N VAL A 141 1.31 23.49 21.41
CA VAL A 141 1.40 22.50 22.49
C VAL A 141 1.61 21.12 21.88
N THR A 142 2.36 20.29 22.59
CA THR A 142 2.67 18.93 22.15
C THR A 142 2.17 17.94 23.21
N LEU A 143 1.33 17.01 22.79
CA LEU A 143 0.79 15.98 23.67
C LEU A 143 0.33 14.81 22.82
N GLY A 144 0.28 13.63 23.42
CA GLY A 144 -0.05 12.45 22.65
C GLY A 144 -0.60 11.33 23.51
N CYS A 145 -0.70 10.15 22.90
CA CYS A 145 -1.17 8.93 23.54
C CYS A 145 -0.05 7.91 23.60
N LEU A 146 -0.21 6.93 24.48
CA LEU A 146 0.78 5.86 24.67
C LEU A 146 0.07 4.52 24.56
N VAL A 147 0.29 3.82 23.45
CA VAL A 147 -0.26 2.49 23.24
C VAL A 147 0.81 1.50 23.65
N LYS A 148 0.57 0.77 24.75
CA LYS A 148 1.57 -0.13 25.32
C LYS A 148 0.96 -1.50 25.59
N GLY A 149 1.73 -2.54 25.28
CA GLY A 149 1.37 -3.90 25.61
C GLY A 149 0.22 -4.47 24.80
N TYR A 150 0.47 -4.76 23.52
CA TYR A 150 -0.53 -5.36 22.66
C TYR A 150 0.16 -6.32 21.70
N PHE A 151 -0.65 -7.21 21.10
CA PHE A 151 -0.14 -8.22 20.19
C PHE A 151 -1.31 -8.81 19.43
N PRO A 152 -1.21 -8.97 18.11
CA PRO A 152 -0.08 -8.51 17.30
C PRO A 152 -0.37 -7.18 16.60
N GLU A 153 0.56 -6.74 15.75
CA GLU A 153 0.36 -5.52 14.98
C GLU A 153 -0.84 -5.67 14.05
N PRO A 154 -1.48 -4.56 13.65
CA PRO A 154 -1.16 -3.18 14.05
C PRO A 154 -2.22 -2.52 14.92
N VAL A 155 -1.97 -1.26 15.27
CA VAL A 155 -2.96 -0.40 15.91
C VAL A 155 -3.11 0.86 15.06
N THR A 156 -4.34 1.35 14.95
CA THR A 156 -4.64 2.54 14.15
C THR A 156 -5.02 3.67 15.11
N VAL A 157 -4.15 4.67 15.22
CA VAL A 157 -4.35 5.80 16.11
C VAL A 157 -4.75 7.01 15.29
N THR A 158 -5.92 7.56 15.58
CA THR A 158 -6.39 8.80 14.98
C THR A 158 -6.65 9.82 16.08
N TRP A 159 -6.69 11.09 15.69
CA TRP A 159 -6.88 12.20 16.61
C TRP A 159 -8.11 12.99 16.21
N ASN A 160 -9.12 12.99 17.08
CA ASN A 160 -10.42 13.59 16.79
C ASN A 160 -11.04 12.97 15.54
N SER A 161 -10.88 11.66 15.40
CA SER A 161 -11.46 10.89 14.29
C SER A 161 -11.04 11.45 12.94
N GLY A 162 -9.78 11.88 12.84
CA GLY A 162 -9.24 12.41 11.61
C GLY A 162 -9.41 13.91 11.44
N SER A 163 -10.20 14.56 12.30
CA SER A 163 -10.33 16.02 12.22
C SER A 163 -8.97 16.71 12.32
N LEU A 164 -8.13 16.25 13.22
CA LEU A 164 -6.76 16.73 13.34
C LEU A 164 -5.82 15.72 12.69
N SER A 165 -5.08 16.18 11.68
CA SER A 165 -4.09 15.34 11.01
C SER A 165 -2.77 16.06 10.74
N SER A 166 -2.75 17.37 10.55
CA SER A 166 -1.51 18.10 10.41
C SER A 166 -0.76 18.10 11.74
N GLY A 167 0.53 17.81 11.69
CA GLY A 167 1.33 17.73 12.90
C GLY A 167 0.93 16.54 13.77
N VAL A 168 0.89 15.36 13.18
CA VAL A 168 0.56 14.12 13.88
C VAL A 168 1.60 13.08 13.53
N HIS A 169 2.27 12.53 14.54
CA HIS A 169 3.29 11.52 14.36
C HIS A 169 2.90 10.26 15.11
N THR A 170 3.09 9.11 14.47
CA THR A 170 2.90 7.81 15.11
C THR A 170 4.17 7.00 14.90
N PHE A 171 4.93 6.79 15.96
CA PHE A 171 6.21 6.12 15.87
C PHE A 171 6.04 4.62 15.71
N PRO A 172 6.92 3.96 14.96
CA PRO A 172 6.83 2.51 14.79
C PRO A 172 6.89 1.78 16.12
N ALA A 173 6.23 0.63 16.18
CA ALA A 173 6.19 -0.12 17.42
C ALA A 173 7.53 -0.81 17.69
N VAL A 174 7.76 -1.12 18.97
CA VAL A 174 8.90 -1.91 19.39
C VAL A 174 8.39 -3.20 20.02
N LEU A 175 9.15 -4.28 19.85
CA LEU A 175 8.81 -5.57 20.44
C LEU A 175 9.54 -5.73 21.77
N GLN A 176 8.84 -6.22 22.78
CA GLN A 176 9.38 -6.35 24.14
C GLN A 176 8.72 -7.56 24.79
N SER A 177 9.30 -8.75 24.55
CA SER A 177 8.83 -10.01 25.10
C SER A 177 7.38 -10.28 24.72
N ASP A 178 7.17 -10.46 23.41
CA ASP A 178 5.87 -10.81 22.84
C ASP A 178 4.82 -9.75 23.15
N LEU A 179 5.22 -8.48 23.15
CA LEU A 179 4.31 -7.37 23.33
C LEU A 179 4.85 -6.16 22.59
N TYR A 180 3.94 -5.38 22.01
CA TYR A 180 4.29 -4.18 21.26
C TYR A 180 3.97 -2.92 22.06
N THR A 181 4.56 -1.81 21.63
CA THR A 181 4.35 -0.52 22.29
C THR A 181 4.75 0.59 21.34
N LEU A 182 3.89 1.58 21.17
CA LEU A 182 4.20 2.76 20.37
C LEU A 182 3.54 3.98 20.99
N SER A 183 3.76 5.14 20.37
CA SER A 183 3.23 6.40 20.86
C SER A 183 2.80 7.26 19.69
N SER A 184 1.91 8.22 19.97
CA SER A 184 1.45 9.17 18.97
C SER A 184 1.58 10.58 19.53
N SER A 185 1.52 11.58 18.66
CA SER A 185 1.75 12.96 19.08
C SER A 185 0.89 13.92 18.26
N VAL A 186 0.56 15.06 18.87
CA VAL A 186 -0.21 16.13 18.24
C VAL A 186 0.47 17.45 18.56
N THR A 187 0.32 18.42 17.64
CA THR A 187 0.85 19.76 17.83
C THR A 187 -0.21 20.75 17.39
N VAL A 188 -0.89 21.36 18.35
CA VAL A 188 -2.00 22.28 18.10
C VAL A 188 -1.58 23.66 18.58
N PRO A 189 -2.24 24.71 18.09
CA PRO A 189 -2.03 26.05 18.68
C PRO A 189 -2.40 26.04 20.17
N SER A 190 -1.62 26.81 20.94
CA SER A 190 -1.74 26.76 22.39
C SER A 190 -3.08 27.29 22.87
N SER A 191 -3.66 28.26 22.17
CA SER A 191 -4.94 28.83 22.59
C SER A 191 -6.09 27.84 22.37
N SER A 192 -5.96 26.93 21.41
CA SER A 192 -7.02 25.98 21.09
C SER A 192 -7.12 24.84 22.09
N TRP A 193 -6.29 24.83 23.14
CA TRP A 193 -6.32 23.77 24.13
C TRP A 193 -6.14 24.38 25.52
N PRO A 194 -6.88 23.88 26.52
CA PRO A 194 -7.91 22.84 26.43
C PRO A 194 -9.30 23.39 26.14
N SER A 195 -9.37 24.58 25.54
CA SER A 195 -10.66 25.14 25.18
C SER A 195 -11.42 24.24 24.23
N GLU A 196 -10.70 23.50 23.39
CA GLU A 196 -11.28 22.53 22.47
C GLU A 196 -10.74 21.14 22.80
N THR A 197 -11.61 20.14 22.68
CA THR A 197 -11.27 18.78 23.06
C THR A 197 -10.20 18.19 22.16
N VAL A 198 -9.38 17.31 22.74
CA VAL A 198 -8.37 16.55 22.01
C VAL A 198 -8.42 15.11 22.51
N THR A 199 -8.63 14.17 21.59
CA THR A 199 -8.84 12.77 21.93
C THR A 199 -8.20 11.89 20.87
N CYS A 200 -7.49 10.85 21.32
CA CYS A 200 -6.93 9.85 20.43
C CYS A 200 -7.86 8.64 20.37
N ASN A 201 -8.02 8.09 19.16
CA ASN A 201 -8.91 6.96 18.91
C ASN A 201 -8.03 5.78 18.51
N VAL A 202 -7.77 4.89 19.47
CA VAL A 202 -6.93 3.72 19.24
C VAL A 202 -7.80 2.53 18.87
N ALA A 203 -7.43 1.85 17.79
CA ALA A 203 -8.13 0.66 17.32
C ALA A 203 -7.12 -0.47 17.16
N HIS A 204 -7.47 -1.65 17.67
CA HIS A 204 -6.64 -2.85 17.57
C HIS A 204 -7.46 -3.94 16.89
N PRO A 205 -7.36 -4.07 15.56
CA PRO A 205 -8.27 -4.98 14.84
C PRO A 205 -8.09 -6.44 15.20
N ALA A 206 -6.91 -6.84 15.70
CA ALA A 206 -6.68 -8.25 15.99
C ALA A 206 -7.50 -8.72 17.19
N SER A 207 -7.80 -7.82 18.12
CA SER A 207 -8.64 -8.13 19.27
C SER A 207 -10.04 -7.52 19.15
N SER A 208 -10.30 -6.77 18.08
CA SER A 208 -11.60 -6.12 17.85
C SER A 208 -11.97 -5.19 19.00
N THR A 209 -11.02 -4.33 19.37
CA THR A 209 -11.20 -3.37 20.44
C THR A 209 -10.95 -1.95 19.91
N LYS A 210 -11.81 -1.02 20.32
CA LYS A 210 -11.72 0.38 19.91
C LYS A 210 -12.03 1.25 21.12
N VAL A 211 -11.09 2.12 21.49
CA VAL A 211 -11.23 2.94 22.69
C VAL A 211 -10.84 4.38 22.37
N ASP A 212 -11.44 5.31 23.11
CA ASP A 212 -11.10 6.72 23.06
C ASP A 212 -10.56 7.16 24.42
N LYS A 213 -9.64 8.12 24.39
CA LYS A 213 -9.05 8.68 25.61
C LYS A 213 -8.86 10.17 25.40
N LYS A 214 -9.53 10.97 26.23
CA LYS A 214 -9.38 12.41 26.15
C LYS A 214 -8.08 12.86 26.81
N ILE A 215 -7.42 13.84 26.22
CA ILE A 215 -6.20 14.41 26.77
C ILE A 215 -6.60 15.67 27.50
N VAL A 216 -6.92 15.52 28.79
CA VAL A 216 -7.29 16.64 29.65
C VAL A 216 -6.02 17.23 30.24
N PRO A 217 -6.04 18.47 30.71
CA PRO A 217 -4.82 19.07 31.26
C PRO A 217 -4.51 18.52 32.64
N ARG A 218 -3.22 18.31 32.90
CA ARG A 218 -2.77 17.94 34.23
C ARG A 218 -2.87 19.15 35.15
N ASP A 219 -3.35 18.90 36.37
CA ASP A 219 -3.57 19.98 37.34
C ASP A 219 -2.27 20.73 37.67
N ASP B 1 9.99 -14.97 -17.05
CA ASP B 1 9.20 -13.84 -16.58
C ASP B 1 9.98 -12.54 -16.70
N ILE B 2 9.27 -11.44 -16.88
CA ILE B 2 9.89 -10.15 -17.15
C ILE B 2 10.41 -9.56 -15.84
N LEU B 3 11.69 -9.21 -15.82
CA LEU B 3 12.33 -8.63 -14.65
C LEU B 3 12.38 -7.12 -14.79
N LEU B 4 11.88 -6.41 -13.78
CA LEU B 4 11.82 -4.96 -13.76
C LEU B 4 12.87 -4.45 -12.78
N THR B 5 13.88 -3.74 -13.30
CA THR B 5 14.98 -3.23 -12.50
C THR B 5 14.80 -1.72 -12.32
N GLN B 6 14.75 -1.28 -11.06
CA GLN B 6 14.64 0.14 -10.73
C GLN B 6 15.97 0.59 -10.13
N SER B 7 16.75 1.33 -10.91
CA SER B 7 18.04 1.86 -10.47
C SER B 7 18.04 3.37 -10.62
N PRO B 8 18.46 4.11 -9.58
CA PRO B 8 18.90 3.57 -8.29
C PRO B 8 17.72 3.27 -7.36
N ALA B 9 18.04 2.88 -6.12
CA ALA B 9 17.01 2.53 -5.14
C ALA B 9 16.64 3.66 -4.20
N ILE B 10 17.49 4.68 -4.08
CA ILE B 10 17.21 5.85 -3.25
C ILE B 10 17.55 7.09 -4.05
N LEU B 11 16.62 8.04 -4.09
CA LEU B 11 16.75 9.25 -4.91
C LEU B 11 16.63 10.45 -3.98
N SER B 12 17.76 11.06 -3.63
CA SER B 12 17.80 12.24 -2.78
C SER B 12 17.88 13.49 -3.64
N VAL B 13 17.12 14.52 -3.28
CA VAL B 13 16.95 15.69 -4.12
C VAL B 13 16.53 16.86 -3.27
N SER B 14 16.99 18.05 -3.64
CA SER B 14 16.55 19.28 -2.99
C SER B 14 15.12 19.61 -3.41
N PRO B 15 14.38 20.35 -2.58
CA PRO B 15 13.00 20.71 -2.95
C PRO B 15 12.97 21.60 -4.19
N GLY B 16 11.87 21.48 -4.95
CA GLY B 16 11.68 22.26 -6.14
C GLY B 16 12.36 21.73 -7.38
N GLU B 17 13.28 20.78 -7.24
CA GLU B 17 14.04 20.26 -8.36
C GLU B 17 13.24 19.19 -9.11
N ARG B 18 13.62 18.96 -10.36
CA ARG B 18 13.01 17.92 -11.17
C ARG B 18 13.65 16.57 -10.85
N VAL B 19 12.81 15.53 -10.70
CA VAL B 19 13.25 14.20 -10.33
C VAL B 19 12.71 13.20 -11.34
N SER B 20 13.51 12.18 -11.64
CA SER B 20 13.13 11.14 -12.60
C SER B 20 13.47 9.77 -12.03
N PHE B 21 12.49 8.87 -12.01
CA PHE B 21 12.70 7.49 -11.62
C PHE B 21 12.89 6.62 -12.86
N SER B 22 13.72 5.60 -12.72
CA SER B 22 14.09 4.73 -13.85
C SER B 22 13.58 3.32 -13.62
N CYS B 23 13.05 2.71 -14.68
CA CYS B 23 12.58 1.33 -14.65
C CYS B 23 13.00 0.67 -15.95
N ARG B 24 13.87 -0.34 -15.85
CA ARG B 24 14.35 -1.08 -17.02
C ARG B 24 13.77 -2.49 -17.03
N ALA B 25 13.34 -2.93 -18.21
CA ALA B 25 12.74 -4.24 -18.39
C ALA B 25 13.75 -5.21 -18.99
N SER B 26 13.63 -6.49 -18.62
CA SER B 26 14.52 -7.51 -19.15
C SER B 26 14.28 -7.78 -20.62
N GLN B 27 13.13 -7.37 -21.15
CA GLN B 27 12.83 -7.49 -22.57
C GLN B 27 11.79 -6.43 -22.92
N SER B 28 11.65 -6.18 -24.22
CA SER B 28 10.76 -5.11 -24.67
C SER B 28 9.31 -5.42 -24.33
N ILE B 29 8.67 -4.52 -23.59
CA ILE B 29 7.28 -4.65 -23.19
C ILE B 29 6.40 -3.59 -23.85
N GLY B 30 6.91 -2.89 -24.84
CA GLY B 30 6.15 -1.86 -25.51
C GLY B 30 5.91 -0.64 -24.64
N THR B 31 4.65 -0.45 -24.22
CA THR B 31 4.29 0.64 -23.32
C THR B 31 3.39 0.17 -22.20
N ASP B 32 3.42 -1.12 -21.88
CA ASP B 32 2.54 -1.70 -20.86
C ASP B 32 3.15 -1.64 -19.46
N ILE B 33 3.64 -0.47 -19.07
CA ILE B 33 4.21 -0.27 -17.74
C ILE B 33 3.31 0.70 -16.98
N HIS B 34 3.23 0.49 -15.66
CA HIS B 34 2.34 1.29 -14.82
C HIS B 34 3.07 1.62 -13.52
N TRP B 35 2.82 2.82 -12.99
CA TRP B 35 3.51 3.34 -11.82
C TRP B 35 2.57 3.42 -10.63
N TYR B 36 3.09 3.12 -9.45
CA TYR B 36 2.32 3.14 -8.21
C TYR B 36 3.10 3.88 -7.13
N GLN B 37 2.37 4.48 -6.21
CA GLN B 37 2.93 5.21 -5.08
C GLN B 37 2.44 4.60 -3.78
N GLN B 38 3.33 4.46 -2.81
CA GLN B 38 2.99 3.88 -1.51
C GLN B 38 3.69 4.66 -0.41
N ARG B 39 2.91 5.36 0.40
CA ARG B 39 3.44 6.07 1.55
C ARG B 39 3.53 5.12 2.75
N THR B 40 4.07 5.64 3.86
CA THR B 40 4.26 4.81 5.05
C THR B 40 2.92 4.34 5.59
N ASN B 41 2.84 3.03 5.87
CA ASN B 41 1.62 2.40 6.39
C ASN B 41 0.44 2.60 5.45
N GLY B 42 0.71 2.74 4.15
CA GLY B 42 -0.32 2.94 3.16
C GLY B 42 -0.34 1.84 2.11
N SER B 43 -1.36 1.88 1.27
CA SER B 43 -1.52 0.95 0.17
C SER B 43 -1.10 1.61 -1.14
N PRO B 44 -0.67 0.82 -2.13
CA PRO B 44 -0.24 1.40 -3.40
C PRO B 44 -1.35 2.18 -4.08
N ARG B 45 -0.97 3.26 -4.76
CA ARG B 45 -1.91 4.12 -5.48
C ARG B 45 -1.39 4.34 -6.89
N LEU B 46 -2.26 4.10 -7.87
CA LEU B 46 -1.89 4.24 -9.28
C LEU B 46 -1.60 5.70 -9.60
N LEU B 47 -0.43 5.94 -10.21
CA LEU B 47 -0.02 7.28 -10.63
C LEU B 47 -0.13 7.48 -12.13
N ILE B 48 0.47 6.60 -12.92
CA ILE B 48 0.48 6.68 -14.37
C ILE B 48 0.19 5.30 -14.92
N LYS B 49 -0.64 5.22 -15.96
CA LYS B 49 -0.91 3.97 -16.64
C LYS B 49 -0.41 4.06 -18.08
N TYR B 50 0.11 2.95 -18.60
CA TYR B 50 0.62 2.86 -19.96
C TYR B 50 1.69 3.93 -20.22
N ALA B 51 2.75 3.87 -19.40
CA ALA B 51 3.93 4.70 -19.55
C ALA B 51 3.66 6.19 -19.31
N SER B 52 2.69 6.77 -20.02
CA SER B 52 2.51 8.22 -20.00
C SER B 52 1.10 8.70 -19.68
N GLU B 53 0.07 7.87 -19.80
CA GLU B 53 -1.29 8.34 -19.61
C GLU B 53 -1.56 8.65 -18.13
N SER B 54 -2.04 9.85 -17.86
CA SER B 54 -2.27 10.31 -16.51
C SER B 54 -3.58 9.76 -15.95
N ILE B 55 -3.65 9.70 -14.62
CA ILE B 55 -4.80 9.17 -13.91
C ILE B 55 -5.59 10.31 -13.30
N SER B 56 -6.91 10.12 -13.20
CA SER B 56 -7.78 11.12 -12.59
C SER B 56 -7.47 11.24 -11.11
N GLY B 57 -7.00 12.41 -10.69
CA GLY B 57 -6.68 12.65 -9.31
C GLY B 57 -5.20 12.65 -8.98
N ILE B 58 -4.33 12.94 -9.95
CA ILE B 58 -2.89 12.95 -9.74
C ILE B 58 -2.37 14.34 -10.09
N PRO B 59 -1.48 14.92 -9.30
CA PRO B 59 -0.92 16.23 -9.64
C PRO B 59 -0.25 16.22 -11.01
N SER B 60 -0.35 17.36 -11.70
CA SER B 60 0.17 17.49 -13.05
C SER B 60 1.69 17.40 -13.12
N ARG B 61 2.39 17.54 -11.99
CA ARG B 61 3.84 17.38 -12.01
C ARG B 61 4.27 15.94 -12.19
N PHE B 62 3.37 14.98 -12.02
CA PHE B 62 3.67 13.58 -12.31
C PHE B 62 3.48 13.33 -13.81
N SER B 63 4.55 12.87 -14.46
CA SER B 63 4.49 12.51 -15.87
C SER B 63 5.31 11.26 -16.10
N GLY B 64 5.09 10.62 -17.24
CA GLY B 64 5.80 9.41 -17.58
C GLY B 64 6.20 9.40 -19.04
N SER B 65 7.21 8.57 -19.34
CA SER B 65 7.73 8.47 -20.69
C SER B 65 8.45 7.13 -20.83
N GLY B 66 8.72 6.77 -22.08
CA GLY B 66 9.49 5.57 -22.36
C GLY B 66 8.79 4.54 -23.22
N SER B 67 9.57 3.67 -23.86
CA SER B 67 9.04 2.55 -24.62
C SER B 67 10.13 1.51 -24.75
N GLY B 68 9.73 0.29 -25.07
CA GLY B 68 10.68 -0.81 -25.19
C GLY B 68 11.12 -1.37 -23.86
N THR B 69 12.32 -1.00 -23.41
CA THR B 69 12.87 -1.52 -22.17
C THR B 69 13.12 -0.45 -21.11
N ASP B 70 13.27 0.81 -21.49
CA ASP B 70 13.59 1.88 -20.55
C ASP B 70 12.40 2.80 -20.38
N PHE B 71 12.01 3.04 -19.13
CA PHE B 71 10.86 3.87 -18.80
C PHE B 71 11.24 4.84 -17.69
N THR B 72 10.48 5.93 -17.59
CA THR B 72 10.80 7.01 -16.67
C THR B 72 9.52 7.62 -16.10
N LEU B 73 9.54 7.85 -14.79
CA LEU B 73 8.50 8.61 -14.09
C LEU B 73 9.14 9.87 -13.54
N SER B 74 8.59 11.03 -13.92
CA SER B 74 9.17 12.31 -13.57
C SER B 74 8.23 13.10 -12.67
N ILE B 75 8.81 13.79 -11.69
CA ILE B 75 8.10 14.75 -10.85
C ILE B 75 8.69 16.13 -11.17
N ASN B 76 7.85 17.02 -11.70
CA ASN B 76 8.34 18.30 -12.20
C ASN B 76 8.97 19.13 -11.10
N SER B 77 8.35 19.15 -9.92
CA SER B 77 8.88 19.91 -8.79
C SER B 77 8.42 19.22 -7.52
N VAL B 78 9.37 18.79 -6.71
CA VAL B 78 9.08 17.90 -5.60
C VAL B 78 8.69 18.71 -4.37
N GLU B 79 7.71 18.20 -3.63
CA GLU B 79 7.34 18.74 -2.32
C GLU B 79 7.23 17.58 -1.34
N SER B 80 6.94 17.92 -0.08
CA SER B 80 7.07 16.94 0.99
C SER B 80 6.08 15.79 0.86
N GLU B 81 4.95 15.99 0.17
CA GLU B 81 3.97 14.93 0.04
C GLU B 81 4.41 13.84 -0.94
N ASP B 82 5.44 14.09 -1.74
CA ASP B 82 5.92 13.10 -2.71
C ASP B 82 6.88 12.09 -2.11
N ILE B 83 7.23 12.21 -0.83
CA ILE B 83 8.12 11.27 -0.18
C ILE B 83 7.38 9.95 0.03
N ALA B 84 7.76 8.93 -0.72
CA ALA B 84 7.14 7.61 -0.64
C ALA B 84 8.00 6.63 -1.43
N ASN B 85 7.50 5.41 -1.61
CA ASN B 85 8.11 4.42 -2.48
C ASN B 85 7.35 4.38 -3.81
N TYR B 86 8.09 4.13 -4.89
CA TYR B 86 7.53 4.11 -6.23
C TYR B 86 7.87 2.79 -6.90
N TYR B 87 6.86 2.13 -7.46
CA TYR B 87 7.01 0.83 -8.10
C TYR B 87 6.53 0.91 -9.54
N CYS B 88 7.19 0.17 -10.43
CA CYS B 88 6.71 -0.05 -11.79
C CYS B 88 6.22 -1.47 -11.93
N GLN B 89 5.26 -1.66 -12.83
CA GLN B 89 4.62 -2.96 -13.03
C GLN B 89 4.24 -3.11 -14.49
N GLN B 90 4.59 -4.24 -15.09
CA GLN B 90 4.35 -4.49 -16.49
C GLN B 90 3.14 -5.40 -16.68
N SER B 91 2.48 -5.25 -17.83
CA SER B 91 1.31 -6.03 -18.18
C SER B 91 1.39 -6.55 -19.61
N ASN B 92 2.60 -6.70 -20.14
CA ASN B 92 2.78 -7.17 -21.51
C ASN B 92 2.77 -8.68 -21.61
N ARG B 93 3.41 -9.38 -20.67
CA ARG B 93 3.45 -10.83 -20.65
C ARG B 93 3.00 -11.33 -19.30
N TRP B 94 2.55 -12.58 -19.28
CA TRP B 94 2.13 -13.20 -18.02
C TRP B 94 3.33 -13.85 -17.34
N PRO B 95 3.45 -13.76 -16.00
CA PRO B 95 2.52 -13.03 -15.13
C PRO B 95 2.92 -11.57 -14.93
N PHE B 96 2.02 -10.78 -14.36
CA PHE B 96 2.35 -9.41 -14.02
C PHE B 96 3.48 -9.40 -12.98
N THR B 97 4.43 -8.50 -13.15
CA THR B 97 5.58 -8.41 -12.28
C THR B 97 5.78 -6.98 -11.81
N PHE B 98 6.25 -6.84 -10.58
CA PHE B 98 6.54 -5.54 -9.98
C PHE B 98 8.03 -5.25 -10.02
N GLY B 99 8.36 -3.96 -9.89
CA GLY B 99 9.74 -3.56 -9.77
C GLY B 99 10.24 -3.66 -8.34
N SER B 100 11.54 -3.43 -8.19
CA SER B 100 12.17 -3.53 -6.88
C SER B 100 11.86 -2.34 -5.98
N GLY B 101 11.42 -1.22 -6.54
CA GLY B 101 11.06 -0.06 -5.75
C GLY B 101 12.17 0.97 -5.61
N THR B 102 11.80 2.25 -5.58
CA THR B 102 12.74 3.35 -5.42
C THR B 102 12.17 4.33 -4.40
N LYS B 103 12.99 4.70 -3.41
CA LYS B 103 12.57 5.58 -2.34
C LYS B 103 13.04 7.01 -2.64
N LEU B 104 12.15 7.97 -2.44
CA LEU B 104 12.45 9.38 -2.66
C LEU B 104 12.76 10.07 -1.34
N GLU B 105 13.85 10.84 -1.32
CA GLU B 105 14.26 11.59 -0.14
C GLU B 105 14.49 13.04 -0.53
N ILE B 106 14.20 13.94 0.41
CA ILE B 106 14.27 15.38 0.18
C ILE B 106 15.35 15.96 1.08
N LYS B 107 16.20 16.82 0.50
CA LYS B 107 17.21 17.55 1.27
C LYS B 107 16.62 18.90 1.69
N ARG B 108 15.86 18.87 2.77
CA ARG B 108 15.26 20.09 3.31
C ARG B 108 16.30 20.88 4.10
N ALA B 109 15.85 21.96 4.71
CA ALA B 109 16.72 22.75 5.57
C ALA B 109 16.83 22.10 6.95
N ASP B 110 17.91 22.44 7.66
CA ASP B 110 18.13 21.90 8.99
C ASP B 110 17.06 22.38 9.96
N ALA B 111 16.75 21.55 10.95
CA ALA B 111 15.72 21.86 11.92
C ALA B 111 16.11 21.27 13.27
N ALA B 112 16.00 22.08 14.33
CA ALA B 112 16.30 21.60 15.66
C ALA B 112 15.10 20.84 16.23
N PRO B 113 15.33 19.79 17.02
CA PRO B 113 14.21 19.01 17.54
C PRO B 113 13.40 19.77 18.57
N THR B 114 12.11 19.49 18.59
CA THR B 114 11.19 20.02 19.60
C THR B 114 11.05 18.95 20.68
N VAL B 115 11.75 19.15 21.79
CA VAL B 115 11.79 18.16 22.86
C VAL B 115 10.62 18.38 23.81
N SER B 116 10.02 17.29 24.27
CA SER B 116 8.89 17.35 25.19
C SER B 116 8.88 16.07 26.01
N ILE B 117 9.05 16.20 27.33
CA ILE B 117 9.05 15.06 28.24
C ILE B 117 7.72 14.99 28.96
N PHE B 118 7.17 13.79 29.06
CA PHE B 118 5.86 13.58 29.67
C PHE B 118 5.99 12.65 30.88
N PRO B 119 5.42 13.02 32.02
CA PRO B 119 5.47 12.14 33.20
C PRO B 119 4.55 10.95 33.02
N PRO B 120 4.74 9.89 33.81
CA PRO B 120 3.85 8.73 33.71
C PRO B 120 2.43 9.11 34.13
N SER B 121 1.46 8.56 33.42
CA SER B 121 0.06 8.88 33.67
C SER B 121 -0.42 8.21 34.95
N SER B 122 -1.45 8.80 35.56
CA SER B 122 -2.02 8.23 36.78
C SER B 122 -2.70 6.90 36.51
N GLU B 123 -3.26 6.71 35.31
CA GLU B 123 -3.86 5.44 34.97
C GLU B 123 -2.81 4.34 34.84
N GLN B 124 -1.61 4.69 34.37
CA GLN B 124 -0.53 3.70 34.29
C GLN B 124 0.01 3.37 35.67
N LEU B 125 0.15 4.37 36.53
CA LEU B 125 0.65 4.14 37.88
C LEU B 125 -0.30 3.26 38.68
N THR B 126 -1.60 3.38 38.44
CA THR B 126 -2.58 2.55 39.15
C THR B 126 -2.37 1.07 38.84
N SER B 127 -1.95 0.75 37.61
CA SER B 127 -1.68 -0.64 37.25
C SER B 127 -0.45 -1.19 37.97
N GLY B 128 0.44 -0.32 38.44
CA GLY B 128 1.65 -0.74 39.12
C GLY B 128 2.93 -0.52 38.36
N GLY B 129 2.87 0.04 37.15
CA GLY B 129 4.05 0.30 36.37
C GLY B 129 4.11 1.77 35.95
N ALA B 130 5.29 2.18 35.50
CA ALA B 130 5.51 3.56 35.10
C ALA B 130 6.43 3.59 33.87
N SER B 131 6.40 4.73 33.18
CA SER B 131 7.26 4.95 32.03
C SER B 131 7.22 6.41 31.60
N VAL B 132 8.37 7.06 31.52
CA VAL B 132 8.48 8.45 31.06
C VAL B 132 8.71 8.45 29.56
N VAL B 133 8.05 9.39 28.87
CA VAL B 133 8.10 9.49 27.42
C VAL B 133 8.69 10.83 27.03
N CYS B 134 9.56 10.82 26.02
CA CYS B 134 10.20 12.02 25.50
C CYS B 134 10.10 12.01 23.98
N PHE B 135 9.63 13.13 23.42
CA PHE B 135 9.42 13.26 21.99
C PHE B 135 10.43 14.22 21.39
N LEU B 136 11.12 13.76 20.34
CA LEU B 136 12.03 14.61 19.56
C LEU B 136 11.42 14.71 18.16
N ASN B 137 10.67 15.78 17.92
CA ASN B 137 9.84 15.91 16.72
C ASN B 137 10.38 16.99 15.79
N ASN B 138 10.30 16.70 14.49
CA ASN B 138 10.54 17.68 13.43
C ASN B 138 11.97 18.22 13.46
N PHE B 139 12.93 17.31 13.43
CA PHE B 139 14.34 17.67 13.32
C PHE B 139 14.91 17.17 12.00
N TYR B 140 15.96 17.85 11.53
CA TYR B 140 16.62 17.48 10.31
C TYR B 140 18.08 17.89 10.41
N PRO B 141 19.04 17.03 10.03
CA PRO B 141 18.84 15.70 9.46
C PRO B 141 18.47 14.62 10.49
N LYS B 142 18.45 13.36 10.05
CA LYS B 142 17.98 12.26 10.88
C LYS B 142 18.93 11.91 12.02
N ASP B 143 20.21 12.26 11.88
CA ASP B 143 21.20 11.90 12.90
C ASP B 143 20.91 12.65 14.20
N ILE B 144 20.66 11.90 15.28
CA ILE B 144 20.33 12.49 16.57
C ILE B 144 20.64 11.46 17.66
N ASN B 145 20.95 11.95 18.86
CA ASN B 145 21.23 11.10 20.01
C ASN B 145 20.46 11.62 21.21
N VAL B 146 19.97 10.69 22.03
CA VAL B 146 19.17 11.00 23.20
C VAL B 146 19.85 10.42 24.44
N LYS B 147 19.72 11.13 25.56
CA LYS B 147 20.30 10.71 26.83
C LYS B 147 19.30 10.94 27.95
N TRP B 148 19.14 9.93 28.80
CA TRP B 148 18.26 10.02 29.96
C TRP B 148 19.09 10.21 31.23
N LYS B 149 18.64 11.12 32.09
CA LYS B 149 19.32 11.43 33.34
C LYS B 149 18.35 11.31 34.50
N ILE B 150 18.50 10.27 35.30
CA ILE B 150 17.71 10.07 36.51
C ILE B 150 18.44 10.78 37.64
N ASP B 151 17.90 11.92 38.07
CA ASP B 151 18.47 12.72 39.16
C ASP B 151 19.93 13.10 38.85
N GLY B 152 20.14 13.62 37.65
CA GLY B 152 21.46 13.97 37.19
C GLY B 152 22.35 12.80 36.81
N SER B 153 22.02 11.57 37.24
CA SER B 153 22.83 10.40 36.91
C SER B 153 22.36 9.82 35.58
N GLU B 154 23.31 9.52 34.70
CA GLU B 154 22.98 8.96 33.40
C GLU B 154 22.50 7.52 33.55
N ARG B 155 21.32 7.23 33.01
CA ARG B 155 20.70 5.91 33.12
C ARG B 155 20.28 5.43 31.74
N GLN B 156 20.55 4.15 31.45
CA GLN B 156 20.31 3.59 30.12
C GLN B 156 19.43 2.36 30.13
N ASN B 157 19.36 1.60 31.22
CA ASN B 157 18.53 0.41 31.25
C ASN B 157 17.05 0.78 31.28
N GLY B 158 16.26 0.13 30.43
CA GLY B 158 14.84 0.40 30.33
C GLY B 158 14.45 1.42 29.29
N VAL B 159 15.38 1.81 28.41
CA VAL B 159 15.13 2.83 27.39
C VAL B 159 14.78 2.14 26.07
N LEU B 160 13.77 2.67 25.38
CA LEU B 160 13.36 2.15 24.09
C LEU B 160 13.14 3.32 23.14
N ASN B 161 13.81 3.28 22.00
CA ASN B 161 13.73 4.33 20.99
C ASN B 161 12.97 3.85 19.77
N SER B 162 12.36 4.79 19.06
CA SER B 162 11.61 4.48 17.84
C SER B 162 11.73 5.66 16.89
N TRP B 163 12.29 5.40 15.71
CA TRP B 163 12.45 6.42 14.67
C TRP B 163 11.38 6.26 13.61
N THR B 164 10.86 7.39 13.13
CA THR B 164 9.96 7.39 11.99
C THR B 164 10.75 7.61 10.70
N ASP B 165 10.09 7.34 9.57
CA ASP B 165 10.68 7.66 8.29
C ASP B 165 10.61 9.18 8.07
N GLN B 166 11.10 9.63 6.92
CA GLN B 166 11.03 11.04 6.59
C GLN B 166 9.58 11.46 6.46
N ASP B 167 9.19 12.47 7.22
CA ASP B 167 7.78 12.87 7.30
C ASP B 167 7.31 13.43 5.96
N SER B 168 6.06 13.13 5.62
CA SER B 168 5.48 13.55 4.35
C SER B 168 4.78 14.91 4.43
N LYS B 169 4.83 15.58 5.58
CA LYS B 169 4.25 16.91 5.73
C LYS B 169 5.29 18.01 5.67
N ASP B 170 6.49 17.78 6.23
CA ASP B 170 7.52 18.81 6.27
C ASP B 170 8.92 18.27 5.98
N SER B 171 9.05 17.01 5.57
CA SER B 171 10.32 16.39 5.19
C SER B 171 11.30 16.27 6.35
N THR B 172 10.82 16.36 7.58
CA THR B 172 11.67 16.23 8.76
C THR B 172 11.64 14.80 9.27
N TYR B 173 12.24 14.59 10.45
CA TYR B 173 12.26 13.30 11.11
C TYR B 173 11.79 13.46 12.54
N SER B 174 11.42 12.34 13.17
CA SER B 174 10.95 12.35 14.54
C SER B 174 11.30 11.02 15.20
N MET B 175 11.49 11.07 16.52
CA MET B 175 11.77 9.87 17.28
C MET B 175 11.18 10.01 18.68
N SER B 176 10.95 8.86 19.32
CA SER B 176 10.41 8.81 20.67
C SER B 176 11.30 7.91 21.52
N SER B 177 11.54 8.34 22.75
CA SER B 177 12.32 7.57 23.71
C SER B 177 11.47 7.33 24.96
N THR B 178 11.35 6.07 25.37
CA THR B 178 10.50 5.68 26.48
C THR B 178 11.33 4.89 27.49
N LEU B 179 11.49 5.45 28.68
CA LEU B 179 12.17 4.77 29.79
C LEU B 179 11.11 4.09 30.66
N THR B 180 11.12 2.76 30.67
CA THR B 180 10.12 1.98 31.39
C THR B 180 10.72 1.51 32.71
N LEU B 181 10.10 1.91 33.82
CA LEU B 181 10.54 1.52 35.16
C LEU B 181 9.33 1.14 36.00
N THR B 182 9.55 0.25 36.95
CA THR B 182 8.47 -0.12 37.86
C THR B 182 8.07 1.09 38.69
N LYS B 183 6.77 1.20 38.99
CA LYS B 183 6.30 2.24 39.90
C LYS B 183 7.07 2.21 41.21
N ASP B 184 7.44 1.00 41.66
CA ASP B 184 8.25 0.87 42.86
C ASP B 184 9.62 1.52 42.67
N GLU B 185 10.26 1.28 41.52
CA GLU B 185 11.55 1.90 41.25
C GLU B 185 11.41 3.34 40.78
N TYR B 186 10.29 3.67 40.12
CA TYR B 186 10.09 5.04 39.68
C TYR B 186 9.91 5.99 40.86
N GLU B 187 9.26 5.52 41.93
CA GLU B 187 9.09 6.37 43.10
C GLU B 187 10.40 6.60 43.85
N ARG B 188 11.43 5.81 43.58
CA ARG B 188 12.72 5.94 44.26
C ARG B 188 13.61 6.99 43.60
N HIS B 189 13.02 8.00 42.94
CA HIS B 189 13.78 9.05 42.28
C HIS B 189 12.92 10.31 42.18
N ASN B 190 13.59 11.45 42.02
CA ASN B 190 12.91 12.74 41.97
C ASN B 190 12.87 13.30 40.56
N SER B 191 14.01 13.71 40.03
CA SER B 191 14.06 14.40 38.75
C SER B 191 14.46 13.43 37.64
N TYR B 192 13.80 13.58 36.49
CA TYR B 192 14.12 12.85 35.27
C TYR B 192 14.35 13.85 34.15
N THR B 193 15.30 13.53 33.27
CA THR B 193 15.79 14.50 32.31
C THR B 193 15.98 13.83 30.95
N CYS B 194 15.53 14.52 29.90
CA CYS B 194 15.70 14.07 28.51
C CYS B 194 16.69 15.01 27.82
N GLU B 195 17.80 14.45 27.36
CA GLU B 195 18.88 15.21 26.74
C GLU B 195 18.97 14.84 25.26
N ALA B 196 18.62 15.77 24.39
CA ALA B 196 18.62 15.55 22.95
C ALA B 196 19.80 16.28 22.34
N THR B 197 20.68 15.53 21.67
CA THR B 197 21.90 16.06 21.07
C THR B 197 21.77 15.99 19.55
N HIS B 198 21.55 17.14 18.92
CA HIS B 198 21.42 17.24 17.48
C HIS B 198 22.53 18.13 16.93
N LYS B 199 22.78 18.01 15.61
CA LYS B 199 23.84 18.78 14.99
C LYS B 199 23.48 20.25 14.80
N THR B 200 22.24 20.64 15.07
CA THR B 200 21.81 22.02 14.89
C THR B 200 22.14 22.91 16.07
N SER B 201 22.77 22.39 17.12
CA SER B 201 23.09 23.19 18.28
C SER B 201 24.30 22.60 19.00
N THR B 202 25.15 23.47 19.51
CA THR B 202 26.32 23.02 20.27
C THR B 202 25.91 22.45 21.62
N SER B 203 25.06 23.18 22.35
CA SER B 203 24.57 22.70 23.64
C SER B 203 23.39 21.77 23.43
N PRO B 204 23.35 20.64 24.12
CA PRO B 204 22.22 19.71 23.96
C PRO B 204 20.93 20.28 24.53
N ILE B 205 19.84 20.06 23.81
CA ILE B 205 18.52 20.53 24.23
C ILE B 205 18.03 19.63 25.35
N VAL B 206 17.70 20.23 26.49
CA VAL B 206 17.33 19.51 27.70
C VAL B 206 15.89 19.85 28.08
N LYS B 207 15.12 18.84 28.45
CA LYS B 207 13.79 19.02 29.03
C LYS B 207 13.67 18.09 30.22
N SER B 208 13.51 18.67 31.41
CA SER B 208 13.48 17.92 32.65
C SER B 208 12.17 18.16 33.39
N PHE B 209 11.88 17.27 34.33
CA PHE B 209 10.69 17.40 35.15
C PHE B 209 10.95 16.75 36.51
N ASN B 210 10.41 17.38 37.56
CA ASN B 210 10.53 16.87 38.92
C ASN B 210 9.24 16.15 39.32
N ARG B 211 9.40 15.10 40.11
CA ARG B 211 8.27 14.26 40.52
C ARG B 211 7.38 14.93 41.55
N TRP C 1 -35.13 -10.95 -44.95
CA TRP C 1 -34.79 -10.12 -46.09
C TRP C 1 -33.33 -9.79 -46.11
N ARG C 2 -32.92 -8.94 -45.18
CA ARG C 2 -31.51 -8.53 -45.08
C ARG C 2 -30.80 -9.29 -43.98
N CYS C 3 -30.80 -10.61 -44.07
CA CYS C 3 -30.14 -11.46 -43.08
C CYS C 3 -28.67 -11.14 -42.92
N ALA C 4 -28.13 -10.19 -43.70
CA ALA C 4 -26.74 -9.78 -43.53
C ALA C 4 -26.48 -9.25 -42.14
N GLY C 5 -27.49 -8.63 -41.52
CA GLY C 5 -27.36 -8.21 -40.14
C GLY C 5 -27.26 -9.36 -39.17
N ALA C 6 -27.94 -10.47 -39.48
CA ALA C 6 -27.86 -11.66 -38.62
C ALA C 6 -26.46 -12.26 -38.66
N ALA C 7 -25.84 -12.33 -39.83
CA ALA C 7 -24.46 -12.76 -39.91
C ALA C 7 -23.53 -11.77 -39.25
N THR C 8 -23.87 -10.48 -39.29
CA THR C 8 -23.08 -9.47 -38.60
C THR C 8 -23.18 -9.63 -37.09
N VAL C 9 -24.38 -9.97 -36.59
CA VAL C 9 -24.54 -10.22 -35.16
C VAL C 9 -23.72 -11.43 -34.73
N LEU C 10 -23.77 -12.50 -35.53
CA LEU C 10 -23.00 -13.70 -35.20
C LEU C 10 -21.50 -13.41 -35.20
N LEU C 11 -21.05 -12.54 -36.11
CA LEU C 11 -19.64 -12.18 -36.15
C LEU C 11 -19.22 -11.45 -34.89
N VAL C 12 -20.02 -10.47 -34.45
CA VAL C 12 -19.69 -9.71 -33.25
C VAL C 12 -19.71 -10.63 -32.02
N ILE C 13 -20.62 -11.60 -32.00
CA ILE C 13 -20.68 -12.55 -30.89
C ILE C 13 -19.41 -13.40 -30.86
N VAL C 14 -18.93 -13.83 -32.02
CA VAL C 14 -17.70 -14.62 -32.08
C VAL C 14 -16.50 -13.76 -31.71
N LEU C 15 -16.49 -12.50 -32.16
CA LEU C 15 -15.37 -11.62 -31.82
C LEU C 15 -15.31 -11.35 -30.32
N LEU C 16 -16.46 -11.11 -29.70
CA LEU C 16 -16.48 -10.82 -28.27
C LEU C 16 -16.22 -12.08 -27.44
N ALA C 17 -16.97 -13.15 -27.71
CA ALA C 17 -16.78 -14.39 -26.95
C ALA C 17 -15.39 -14.98 -27.18
N GLY C 18 -14.84 -14.79 -28.38
CA GLY C 18 -13.50 -15.31 -28.63
C GLY C 18 -12.43 -14.56 -27.87
N SER C 19 -12.53 -13.22 -27.83
CA SER C 19 -11.55 -12.44 -27.09
C SER C 19 -11.69 -12.66 -25.59
N TYR C 20 -12.90 -12.90 -25.11
CA TYR C 20 -13.09 -13.15 -23.68
C TYR C 20 -12.50 -14.49 -23.27
N LEU C 21 -12.75 -15.55 -24.07
CA LEU C 21 -12.24 -16.87 -23.73
C LEU C 21 -10.75 -17.00 -23.97
N ALA C 22 -10.20 -16.18 -24.89
CA ALA C 22 -8.77 -16.24 -25.15
C ALA C 22 -7.98 -15.72 -23.95
N VAL C 23 -8.37 -14.56 -23.41
CA VAL C 23 -7.73 -14.06 -22.20
C VAL C 23 -7.91 -15.03 -21.05
N LEU C 24 -9.08 -15.67 -20.97
CA LEU C 24 -9.33 -16.64 -19.92
C LEU C 24 -8.43 -17.88 -20.07
N ALA C 25 -8.06 -18.21 -21.31
CA ALA C 25 -7.24 -19.40 -21.56
C ALA C 25 -5.75 -19.09 -21.56
N GLU C 26 -5.36 -17.86 -21.88
CA GLU C 26 -3.95 -17.51 -22.00
C GLU C 26 -3.32 -17.10 -20.67
N ARG C 27 -4.07 -16.45 -19.79
CA ARG C 27 -3.54 -16.10 -18.48
C ARG C 27 -3.21 -17.37 -17.70
N GLY C 28 -1.94 -17.52 -17.35
CA GLY C 28 -1.47 -18.71 -16.67
C GLY C 28 -0.25 -19.30 -17.32
N ALA C 29 0.00 -18.93 -18.58
CA ALA C 29 1.17 -19.40 -19.32
C ALA C 29 2.21 -18.31 -19.35
N PRO C 30 3.40 -18.54 -18.79
CA PRO C 30 4.44 -17.50 -18.83
C PRO C 30 4.85 -17.17 -20.26
N GLY C 31 4.89 -15.88 -20.56
CA GLY C 31 5.21 -15.40 -21.89
C GLY C 31 4.02 -15.09 -22.77
N ALA C 32 2.80 -15.39 -22.31
CA ALA C 32 1.62 -15.11 -23.10
C ALA C 32 1.34 -13.63 -23.17
N GLN C 33 1.04 -13.14 -24.38
CA GLN C 33 0.75 -11.73 -24.61
C GLN C 33 -0.71 -11.46 -24.92
N LEU C 34 -1.53 -12.50 -25.08
CA LEU C 34 -2.96 -12.33 -25.33
C LEU C 34 -3.74 -12.47 -24.02
N ILE C 35 -3.50 -11.51 -23.12
CA ILE C 35 -3.94 -11.64 -21.73
C ILE C 35 -4.72 -10.42 -21.27
N THR C 36 -5.03 -9.51 -22.18
CA THR C 36 -5.87 -8.35 -21.87
C THR C 36 -6.97 -8.24 -22.91
N TYR C 37 -8.18 -7.94 -22.44
CA TYR C 37 -9.35 -7.95 -23.33
C TYR C 37 -9.27 -6.94 -24.47
N PRO C 38 -8.86 -5.67 -24.27
CA PRO C 38 -8.89 -4.73 -25.40
C PRO C 38 -8.09 -5.19 -26.62
N ARG C 39 -6.83 -5.57 -26.45
CA ARG C 39 -6.05 -6.02 -27.59
C ARG C 39 -6.45 -7.42 -28.03
N ALA C 40 -7.09 -8.21 -27.16
CA ALA C 40 -7.59 -9.51 -27.59
C ALA C 40 -8.77 -9.38 -28.54
N LEU C 41 -9.52 -8.27 -28.44
CA LEU C 41 -10.63 -8.05 -29.36
C LEU C 41 -10.12 -7.80 -30.78
N PHE C 42 -9.01 -7.08 -30.91
CA PHE C 42 -8.43 -6.88 -32.24
C PHE C 42 -7.79 -8.14 -32.76
N TRP C 43 -7.31 -9.01 -31.86
CA TRP C 43 -6.79 -10.30 -32.30
C TRP C 43 -7.90 -11.15 -32.91
N SER C 44 -9.11 -11.08 -32.35
CA SER C 44 -10.25 -11.80 -32.94
C SER C 44 -10.53 -11.31 -34.36
N VAL C 45 -10.40 -10.01 -34.58
CA VAL C 45 -10.59 -9.46 -35.92
C VAL C 45 -9.47 -9.93 -36.85
N GLU C 46 -8.23 -9.95 -36.36
CA GLU C 46 -7.12 -10.45 -37.17
C GLU C 46 -7.34 -11.88 -37.60
N THR C 47 -7.96 -12.69 -36.74
CA THR C 47 -8.16 -14.11 -37.04
C THR C 47 -9.37 -14.31 -37.95
N ALA C 48 -10.48 -13.63 -37.64
CA ALA C 48 -11.71 -13.83 -38.40
C ALA C 48 -11.56 -13.34 -39.84
N THR C 49 -10.80 -12.26 -40.05
CA THR C 49 -10.60 -11.74 -41.39
C THR C 49 -9.52 -12.51 -42.14
N THR C 50 -8.77 -13.36 -41.44
CA THR C 50 -7.63 -14.16 -41.93
C THR C 50 -6.39 -13.31 -42.21
N VAL C 51 -6.35 -12.06 -41.77
CA VAL C 51 -5.18 -11.22 -42.01
C VAL C 51 -3.98 -11.73 -41.21
N GLY C 52 -4.16 -11.91 -39.90
CA GLY C 52 -3.14 -12.50 -39.04
C GLY C 52 -1.77 -11.84 -39.12
N TYR C 53 -1.66 -10.62 -38.58
CA TYR C 53 -0.37 -9.94 -38.56
C TYR C 53 0.68 -10.74 -37.83
N GLY C 54 0.32 -11.31 -36.67
CA GLY C 54 1.25 -12.07 -35.87
C GLY C 54 1.72 -11.38 -34.61
N ASP C 55 1.25 -10.16 -34.34
CA ASP C 55 1.61 -9.50 -33.09
C ASP C 55 0.94 -10.15 -31.89
N LEU C 56 -0.12 -10.92 -32.10
CA LEU C 56 -0.86 -11.57 -31.03
C LEU C 56 -1.32 -12.94 -31.51
N TYR C 57 -1.11 -13.96 -30.67
CA TYR C 57 -1.53 -15.32 -31.00
C TYR C 57 -1.51 -16.15 -29.73
N PRO C 58 -2.32 -17.20 -29.65
CA PRO C 58 -2.31 -18.06 -28.45
C PRO C 58 -1.14 -19.02 -28.43
N VAL C 59 -0.78 -19.45 -27.22
CA VAL C 59 0.34 -20.36 -27.04
C VAL C 59 -0.04 -21.50 -26.10
N THR C 60 -1.33 -21.60 -25.78
CA THR C 60 -1.84 -22.65 -24.93
C THR C 60 -2.77 -23.57 -25.70
N LEU C 61 -3.04 -24.75 -25.13
CA LEU C 61 -3.90 -25.74 -25.75
C LEU C 61 -5.32 -25.19 -25.95
N TRP C 62 -5.90 -24.68 -24.87
CA TRP C 62 -7.23 -24.12 -24.92
C TRP C 62 -7.27 -22.87 -25.74
N GLY C 63 -6.29 -22.00 -25.52
CA GLY C 63 -6.22 -20.76 -26.29
C GLY C 63 -6.19 -21.01 -27.78
N ARG C 64 -5.44 -22.02 -28.20
CA ARG C 64 -5.44 -22.39 -29.61
C ARG C 64 -6.74 -23.07 -30.01
N LEU C 65 -7.38 -23.80 -29.10
CA LEU C 65 -8.70 -24.35 -29.38
C LEU C 65 -9.74 -23.25 -29.53
N VAL C 66 -9.63 -22.19 -28.71
CA VAL C 66 -10.50 -21.03 -28.88
C VAL C 66 -10.27 -20.40 -30.24
N ALA C 67 -9.01 -20.33 -30.68
CA ALA C 67 -8.71 -19.76 -31.98
C ALA C 67 -9.36 -20.57 -33.10
N VAL C 68 -9.42 -21.90 -32.94
CA VAL C 68 -10.05 -22.74 -33.95
C VAL C 68 -11.53 -22.40 -34.09
N VAL C 69 -12.21 -22.17 -32.96
CA VAL C 69 -13.61 -21.78 -33.02
C VAL C 69 -13.76 -20.41 -33.66
N VAL C 70 -12.85 -19.48 -33.35
CA VAL C 70 -12.88 -18.16 -33.98
C VAL C 70 -12.61 -18.28 -35.47
N MET C 71 -11.79 -19.24 -35.87
CA MET C 71 -11.53 -19.45 -37.29
C MET C 71 -12.74 -20.04 -38.00
N VAL C 72 -13.31 -21.11 -37.45
CA VAL C 72 -14.41 -21.80 -38.13
C VAL C 72 -15.65 -20.92 -38.17
N ALA C 73 -16.00 -20.31 -37.03
CA ALA C 73 -17.21 -19.49 -36.94
C ALA C 73 -17.01 -18.07 -37.43
N GLY C 74 -15.82 -17.50 -37.28
CA GLY C 74 -15.59 -16.13 -37.66
C GLY C 74 -15.34 -15.92 -39.14
N ILE C 75 -14.54 -16.81 -39.75
CA ILE C 75 -14.27 -16.69 -41.18
C ILE C 75 -15.53 -16.98 -41.99
N THR C 76 -16.38 -17.90 -41.51
CA THR C 76 -17.64 -18.18 -42.18
C THR C 76 -18.57 -16.98 -42.11
N SER C 77 -18.70 -16.38 -40.91
CA SER C 77 -19.60 -15.24 -40.75
C SER C 77 -19.06 -14.00 -41.45
N PHE C 78 -17.76 -13.73 -41.32
CA PHE C 78 -17.17 -12.60 -42.02
C PHE C 78 -17.22 -12.79 -43.53
N GLY C 79 -17.14 -14.04 -44.00
CA GLY C 79 -17.33 -14.30 -45.41
C GLY C 79 -18.73 -14.00 -45.89
N LEU C 80 -19.73 -14.19 -45.01
CA LEU C 80 -21.10 -13.84 -45.35
C LEU C 80 -21.34 -12.33 -45.29
N VAL C 81 -20.65 -11.64 -44.37
CA VAL C 81 -20.80 -10.19 -44.30
C VAL C 81 -20.17 -9.52 -45.52
N THR C 82 -18.98 -9.97 -45.92
CA THR C 82 -18.31 -9.38 -47.07
C THR C 82 -18.93 -9.79 -48.40
N ALA C 83 -19.65 -10.91 -48.43
CA ALA C 83 -20.34 -11.31 -49.66
C ALA C 83 -21.58 -10.47 -49.91
N ALA C 84 -22.30 -10.12 -48.84
CA ALA C 84 -23.46 -9.25 -49.00
C ALA C 84 -23.04 -7.84 -49.41
N LEU C 85 -21.92 -7.36 -48.88
CA LEU C 85 -21.39 -6.07 -49.31
C LEU C 85 -20.98 -6.10 -50.77
N ALA C 86 -20.53 -7.25 -51.26
CA ALA C 86 -20.15 -7.37 -52.66
C ALA C 86 -21.39 -7.34 -53.56
N THR C 87 -22.43 -8.08 -53.18
CA THR C 87 -23.67 -8.09 -53.96
C THR C 87 -24.27 -6.68 -54.04
N TRP C 88 -24.34 -5.99 -52.91
CA TRP C 88 -24.91 -4.65 -52.89
C TRP C 88 -24.13 -3.70 -53.79
N PHE C 89 -22.80 -3.82 -53.80
CA PHE C 89 -22.00 -2.93 -54.63
C PHE C 89 -22.28 -3.14 -56.11
N VAL C 90 -22.52 -4.39 -56.52
CA VAL C 90 -22.82 -4.64 -57.93
C VAL C 90 -24.20 -4.10 -58.28
N GLY C 91 -25.12 -4.07 -57.31
CA GLY C 91 -26.46 -3.55 -57.54
C GLY C 91 -26.48 -2.11 -58.01
N GLN C 92 -25.43 -1.35 -57.72
CA GLN C 92 -25.28 0.01 -58.25
C GLN C 92 -24.27 0.08 -59.39
N CYS C 93 -23.53 -1.00 -59.65
CA CYS C 93 -22.55 -1.02 -60.72
C CYS C 93 -23.18 -0.85 -62.10
N GLN C 94 -24.50 -0.95 -62.21
CA GLN C 94 -25.20 -0.76 -63.47
C GLN C 94 -26.18 0.41 -63.45
N GLN C 95 -26.35 1.07 -62.30
CA GLN C 95 -27.14 2.30 -62.23
C GLN C 95 -26.28 3.52 -62.55
N GLN C 96 -25.38 3.37 -63.52
CA GLN C 96 -24.42 4.40 -63.86
C GLN C 96 -25.09 5.71 -64.23
C1 F09 D . -7.53 -23.16 -19.34
C2 F09 D . -8.86 -22.43 -19.14
C3 F09 D . -9.87 -23.04 -20.11
C4 F09 D . -10.74 -21.95 -20.71
C5 F09 D . -11.35 -22.48 -22.00
C6 F09 D . -12.66 -21.75 -22.30
C7 F09 D . -13.50 -22.58 -23.26
C8 F09 D . -12.71 -22.91 -24.51
C9 F09 D . -13.62 -23.49 -25.58
OXT F09 D . -12.89 -23.70 -26.75
O11 1EM E . 0.37 -27.77 -28.47
C11 1EM E . -0.51 -27.37 -27.81
C12 1EM E . -1.85 -27.17 -28.46
C13 1EM E . -2.25 -28.41 -29.23
C14 1EM E . -2.51 -28.13 -30.69
C15 1EM E . -3.80 -27.41 -30.90
C16 1EM E . -4.79 -28.33 -31.57
C17 1EM E . -5.31 -27.79 -32.87
C18 1EM E . -6.70 -28.36 -33.05
C19 1EM E . -7.04 -28.55 -34.51
O21 1EM E . 1.88 -29.66 -23.09
C21 1EM E . 1.77 -29.34 -24.27
C22 1EM E . 1.17 -30.29 -25.27
C23 1EM E . -0.35 -30.43 -25.09
C24 1EM E . -0.77 -31.87 -25.36
C25 1EM E . -1.85 -31.97 -26.42
C26 1EM E . -1.71 -33.25 -27.23
C27 1EM E . -2.17 -33.05 -28.66
C28 1EM E . -1.44 -34.01 -29.61
C29 1EM E . -1.32 -33.48 -31.04
C30 1EM E . -0.61 -34.50 -31.93
C31 1EM E . -0.73 -34.12 -33.40
C32 1EM E . 0.13 -34.97 -34.33
C33 1EM E . 0.09 -36.43 -33.90
C34 1EM E . 1.02 -37.27 -34.74
C41 1EM E . 1.02 -26.52 -26.07
O41 1EM E . -0.22 -27.12 -26.41
C42 1EM E . 1.38 -26.91 -24.65
O42 1EM E . 2.27 -28.03 -24.72
C43 1EM E . 2.08 -25.74 -24.00
O43 1EM E . 3.16 -25.33 -24.82
K K F . -9.47 -15.82 -48.55
K K G . -5.57 -14.83 -45.73
K K H . 2.30 -12.85 -40.05
K K I . 5.84 -11.95 -37.50
K K J . 8.55 -11.27 -35.54
K K K . -2.37 -14.03 -43.43
#